data_4GSR
#
_entry.id   4GSR
#
_cell.length_a   135.661
_cell.length_b   58.449
_cell.length_c   40.964
_cell.angle_alpha   90.00
_cell.angle_beta   94.28
_cell.angle_gamma   90.00
#
_symmetry.space_group_name_H-M   'C 1 2 1'
#
loop_
_entity.id
_entity.type
_entity.pdbx_description
1 polymer 'Probable conserved lipoprotein LPPS'
2 non-polymer '2-(ETHYLMERCURI-THIO)-BENZOIC ACID'
3 non-polymer GLYCEROL
4 water water
#
_entity_poly.entity_id   1
_entity_poly.type   'polypeptide(L)'
_entity_poly.pdbx_seq_one_letter_code
;MLGLGGAATRQLTFQTSSPAHLTMPYVMPGDGEVVGVGEPVAIRFDENIADRGAAEKAIKITTNPPVEGAFYWLNNREVR
WRPEHFWKPGTAVDVAVNTYGVDLGEGMFGEDNVQTHFTIGDEVIATADDNTKILTVRVNGEVVKSMPTSMGKDSTPTAN
GIYIVGSRYKHIIMDSSTYGVPVNSPNGYRTDVDWATQISYSGVFVHSAPWSVGAQGHTNTSHGCLNVSPSNAQWFYDHV
KRGDIVEVVNTVGGTLPGIDGLGDWNIPWDQWRAGNAKALEHHHHHH
;
_entity_poly.pdbx_strand_id   A
#
loop_
_chem_comp.id
_chem_comp.type
_chem_comp.name
_chem_comp.formula
EMT non-polymer '2-(ETHYLMERCURI-THIO)-BENZOIC ACID' 'C9 H10 Hg O2 S'
GOL non-polymer GLYCEROL 'C3 H8 O3'
#
# COMPACT_ATOMS: atom_id res chain seq x y z
N SER A 17 15.81 -15.33 -24.06
CA SER A 17 15.25 -13.95 -23.87
C SER A 17 16.29 -13.01 -23.25
N SER A 18 16.42 -11.82 -23.85
CA SER A 18 17.35 -10.81 -23.36
C SER A 18 16.63 -9.82 -22.44
N PRO A 19 17.13 -9.66 -21.19
CA PRO A 19 16.50 -8.74 -20.24
C PRO A 19 16.48 -7.30 -20.74
N ALA A 20 17.46 -6.92 -21.56
CA ALA A 20 17.51 -5.59 -22.15
C ALA A 20 16.48 -5.38 -23.27
N HIS A 21 15.94 -6.48 -23.81
CA HIS A 21 15.14 -6.41 -25.04
C HIS A 21 13.73 -6.97 -24.98
N LEU A 22 13.44 -7.74 -23.92
CA LEU A 22 12.08 -8.24 -23.71
C LEU A 22 11.67 -8.05 -22.26
N THR A 23 10.43 -7.62 -22.05
CA THR A 23 9.94 -7.44 -20.68
C THR A 23 8.52 -7.98 -20.52
N MET A 24 8.26 -8.59 -19.37
CA MET A 24 6.94 -9.15 -19.05
C MET A 24 6.22 -8.24 -18.06
N PRO A 25 4.94 -7.92 -18.34
CA PRO A 25 4.14 -7.19 -17.36
C PRO A 25 3.45 -8.10 -16.35
N TYR A 26 3.22 -7.58 -15.15
CA TYR A 26 2.50 -8.30 -14.10
C TYR A 26 1.52 -7.29 -13.52
N VAL A 27 0.25 -7.70 -13.38
CA VAL A 27 -0.78 -6.78 -12.90
C VAL A 27 -1.32 -7.22 -11.55
N MET A 28 -1.52 -6.24 -10.67
CA MET A 28 -2.21 -6.47 -9.42
C MET A 28 -3.28 -5.40 -9.27
N PRO A 29 -4.39 -5.68 -8.55
CA PRO A 29 -4.77 -6.93 -7.89
C PRO A 29 -4.96 -8.09 -8.85
N GLY A 30 -4.88 -9.30 -8.31
CA GLY A 30 -5.08 -10.53 -9.10
C GLY A 30 -6.51 -10.68 -9.60
N ASP A 31 -6.66 -11.54 -10.60
CA ASP A 31 -7.94 -11.82 -11.23
C ASP A 31 -8.94 -12.34 -10.20
N GLY A 32 -10.11 -11.70 -10.13
CA GLY A 32 -11.19 -12.15 -9.24
C GLY A 32 -11.12 -11.69 -7.79
N GLU A 33 -10.13 -10.86 -7.47
CA GLU A 33 -9.96 -10.37 -6.10
C GLU A 33 -11.01 -9.32 -5.75
N VAL A 34 -11.35 -9.23 -4.47
CA VAL A 34 -12.17 -8.15 -3.93
C VAL A 34 -11.26 -7.30 -3.04
N VAL A 35 -11.11 -6.04 -3.37
CA VAL A 35 -10.13 -5.19 -2.68
C VAL A 35 -10.80 -3.94 -2.10
N GLY A 36 -10.07 -3.24 -1.24
CA GLY A 36 -10.59 -2.02 -0.61
C GLY A 36 -10.60 -0.79 -1.51
N VAL A 37 -11.19 0.29 -0.99
CA VAL A 37 -11.42 1.49 -1.79
C VAL A 37 -10.15 2.31 -2.06
N GLY A 38 -9.03 1.94 -1.40
CA GLY A 38 -7.74 2.59 -1.66
C GLY A 38 -6.82 1.83 -2.60
N GLU A 39 -7.30 0.72 -3.17
CA GLU A 39 -6.42 -0.11 -4.02
C GLU A 39 -6.18 0.50 -5.41
N PRO A 40 -4.92 0.86 -5.73
CA PRO A 40 -4.67 1.27 -7.10
C PRO A 40 -4.47 0.04 -7.98
N VAL A 41 -4.61 0.22 -9.30
CA VAL A 41 -4.14 -0.79 -10.23
C VAL A 41 -2.62 -0.63 -10.27
N ALA A 42 -1.91 -1.75 -10.22
CA ALA A 42 -0.45 -1.74 -10.31
C ALA A 42 -0.04 -2.59 -11.50
N ILE A 43 0.75 -2.01 -12.41
CA ILE A 43 1.34 -2.77 -13.51
C ILE A 43 2.86 -2.69 -13.35
N ARG A 44 3.47 -3.84 -13.10
CA ARG A 44 4.88 -3.92 -12.77
C ARG A 44 5.56 -4.68 -13.90
N PHE A 45 6.63 -4.11 -14.44
CA PHE A 45 7.40 -4.76 -15.48
C PHE A 45 8.65 -5.35 -14.86
N ASP A 46 9.19 -6.41 -15.45
CA ASP A 46 10.37 -7.03 -14.87
C ASP A 46 11.67 -6.38 -15.35
N GLU A 47 11.54 -5.33 -16.18
CA GLU A 47 12.66 -4.50 -16.60
C GLU A 47 12.27 -3.03 -16.60
N ASN A 48 13.29 -2.16 -16.55
CA ASN A 48 13.10 -0.70 -16.64
C ASN A 48 12.45 -0.27 -17.95
N ILE A 49 11.46 0.61 -17.85
CA ILE A 49 10.72 1.09 -19.00
C ILE A 49 11.24 2.47 -19.43
N ALA A 50 11.87 2.54 -20.60
CA ALA A 50 12.43 3.79 -21.10
C ALA A 50 11.35 4.73 -21.65
N ASP A 51 10.31 4.16 -22.25
CA ASP A 51 9.24 4.96 -22.84
C ASP A 51 7.95 4.75 -22.04
N ARG A 52 7.82 5.52 -20.97
CA ARG A 52 6.66 5.39 -20.07
C ARG A 52 5.35 5.70 -20.79
N GLY A 53 5.39 6.65 -21.72
CA GLY A 53 4.20 7.02 -22.48
C GLY A 53 3.66 5.88 -23.33
N ALA A 54 4.59 5.14 -23.96
CA ALA A 54 4.22 3.95 -24.73
C ALA A 54 3.53 2.92 -23.84
N ALA A 55 4.09 2.69 -22.65
CA ALA A 55 3.54 1.72 -21.71
C ALA A 55 2.13 2.14 -21.31
N GLU A 56 1.96 3.41 -20.97
CA GLU A 56 0.64 3.92 -20.57
C GLU A 56 -0.39 3.77 -21.69
N LYS A 57 0.01 4.07 -22.93
CA LYS A 57 -0.87 3.95 -24.09
C LYS A 57 -1.30 2.50 -24.34
N ALA A 58 -0.46 1.55 -23.93
CA ALA A 58 -0.74 0.12 -24.13
C ALA A 58 -1.68 -0.48 -23.07
N ILE A 59 -1.99 0.29 -22.02
CA ILE A 59 -2.81 -0.20 -20.91
C ILE A 59 -4.20 0.43 -20.95
N LYS A 60 -5.22 -0.40 -21.04
CA LYS A 60 -6.61 0.05 -21.11
C LYS A 60 -7.34 -0.38 -19.85
N ILE A 61 -7.84 0.59 -19.10
CA ILE A 61 -8.55 0.32 -17.87
C ILE A 61 -9.99 0.78 -18.00
N THR A 62 -10.89 -0.17 -17.80
CA THR A 62 -12.33 0.07 -17.89
C THR A 62 -12.93 -0.05 -16.51
N THR A 63 -13.78 0.91 -16.16
CA THR A 63 -14.40 0.94 -14.83
C THR A 63 -15.93 1.02 -14.96
N ASN A 64 -16.63 0.36 -14.03
CA ASN A 64 -18.09 0.36 -14.00
C ASN A 64 -18.57 0.35 -12.54
N PRO A 65 -19.18 1.46 -12.08
CA PRO A 65 -19.46 2.74 -12.76
C PRO A 65 -18.19 3.44 -13.26
N PRO A 66 -18.27 4.08 -14.42
CA PRO A 66 -17.07 4.73 -14.97
C PRO A 66 -16.56 5.87 -14.11
N VAL A 67 -15.25 5.92 -13.94
CA VAL A 67 -14.61 6.97 -13.17
C VAL A 67 -13.31 7.35 -13.85
N GLU A 68 -12.99 8.64 -13.84
CA GLU A 68 -11.71 9.14 -14.36
C GLU A 68 -10.57 8.64 -13.50
N GLY A 69 -9.47 8.26 -14.13
CA GLY A 69 -8.25 7.97 -13.37
C GLY A 69 -7.03 8.29 -14.19
N ALA A 70 -5.86 8.12 -13.58
CA ALA A 70 -4.61 8.47 -14.24
C ALA A 70 -3.45 7.62 -13.76
N PHE A 71 -2.41 7.54 -14.60
CA PHE A 71 -1.18 6.79 -14.31
C PHE A 71 -0.11 7.64 -13.61
N TYR A 72 0.61 7.03 -12.68
CA TYR A 72 1.78 7.63 -12.04
C TYR A 72 2.82 6.55 -11.71
N TRP A 73 4.08 6.79 -12.05
CA TRP A 73 5.14 5.81 -11.89
C TRP A 73 5.77 5.93 -10.55
N LEU A 74 5.89 4.84 -9.81
CA LEU A 74 6.56 4.86 -8.50
C LEU A 74 8.07 4.66 -8.59
N ASN A 75 8.46 4.01 -9.66
CA ASN A 75 9.83 3.73 -9.94
C ASN A 75 9.95 3.35 -11.43
N ASN A 76 11.14 2.96 -11.88
CA ASN A 76 11.35 2.69 -13.31
C ASN A 76 10.60 1.50 -13.87
N ARG A 77 10.00 0.68 -13.00
CA ARG A 77 9.36 -0.55 -13.43
C ARG A 77 7.88 -0.65 -13.12
N GLU A 78 7.39 0.19 -12.21
CA GLU A 78 6.01 0.05 -11.73
C GLU A 78 5.21 1.32 -11.91
N VAL A 79 4.09 1.19 -12.62
CA VAL A 79 3.13 2.27 -12.78
C VAL A 79 1.85 1.95 -12.02
N ARG A 80 1.23 2.99 -11.47
CA ARG A 80 -0.03 2.85 -10.74
C ARG A 80 -1.11 3.66 -11.44
N TRP A 81 -2.35 3.18 -11.34
CA TRP A 81 -3.49 3.93 -11.87
C TRP A 81 -4.55 3.95 -10.82
N ARG A 82 -5.12 5.14 -10.58
CA ARG A 82 -6.18 5.28 -9.59
C ARG A 82 -7.04 6.50 -9.91
N PRO A 83 -8.26 6.54 -9.36
CA PRO A 83 -9.06 7.76 -9.47
C PRO A 83 -8.62 8.83 -8.46
N GLU A 84 -9.29 9.97 -8.55
CA GLU A 84 -9.02 11.10 -7.67
C GLU A 84 -9.42 10.83 -6.22
N HIS A 85 -10.59 10.24 -6.05
CA HIS A 85 -11.09 9.89 -4.73
C HIS A 85 -11.05 8.40 -4.59
N PHE A 86 -11.20 7.92 -3.35
CA PHE A 86 -11.32 6.48 -3.11
C PHE A 86 -12.41 5.91 -4.00
N TRP A 87 -12.21 4.65 -4.41
CA TRP A 87 -13.21 3.95 -5.20
C TRP A 87 -14.54 3.89 -4.51
N LYS A 88 -15.60 3.82 -5.31
CA LYS A 88 -16.93 3.52 -4.80
C LYS A 88 -17.11 2.01 -4.64
N PRO A 89 -17.56 1.55 -3.45
CA PRO A 89 -17.83 0.14 -3.28
C PRO A 89 -18.69 -0.44 -4.39
N GLY A 90 -18.34 -1.64 -4.83
CA GLY A 90 -19.08 -2.32 -5.88
C GLY A 90 -18.56 -2.06 -7.28
N THR A 91 -17.61 -1.14 -7.42
CA THR A 91 -17.03 -0.81 -8.73
C THR A 91 -16.33 -2.04 -9.28
N ALA A 92 -16.53 -2.31 -10.57
CA ALA A 92 -15.83 -3.39 -11.28
C ALA A 92 -14.74 -2.79 -12.15
N VAL A 93 -13.54 -3.39 -12.11
CA VAL A 93 -12.39 -2.87 -12.85
C VAL A 93 -11.82 -3.95 -13.75
N ASP A 94 -11.65 -3.59 -15.01
CA ASP A 94 -11.05 -4.50 -16.00
C ASP A 94 -9.78 -3.84 -16.52
N VAL A 95 -8.69 -4.59 -16.50
CA VAL A 95 -7.39 -4.06 -16.90
C VAL A 95 -6.84 -4.90 -18.04
N ALA A 96 -6.55 -4.25 -19.17
CA ALA A 96 -5.99 -4.91 -20.33
C ALA A 96 -4.63 -4.32 -20.61
N VAL A 97 -3.59 -5.10 -20.33
CA VAL A 97 -2.24 -4.65 -20.61
C VAL A 97 -1.86 -5.27 -21.96
N ASN A 98 -1.97 -4.46 -23.01
CA ASN A 98 -1.81 -4.94 -24.39
C ASN A 98 -0.42 -4.61 -24.90
N THR A 99 0.58 -5.17 -24.21
CA THR A 99 1.98 -4.82 -24.44
C THR A 99 2.73 -5.75 -25.40
N TYR A 100 2.10 -6.86 -25.79
CA TYR A 100 2.75 -7.84 -26.66
C TYR A 100 3.27 -7.18 -27.93
N GLY A 101 4.59 -7.27 -28.13
CA GLY A 101 5.25 -6.69 -29.31
C GLY A 101 5.27 -5.18 -29.38
N VAL A 102 4.88 -4.52 -28.29
CA VAL A 102 4.90 -3.07 -28.23
C VAL A 102 6.29 -2.58 -27.86
N ASP A 103 6.79 -1.59 -28.58
CA ASP A 103 8.07 -0.95 -28.30
C ASP A 103 7.93 -0.08 -27.05
N LEU A 104 8.56 -0.51 -25.97
CA LEU A 104 8.45 0.17 -24.68
C LEU A 104 9.67 1.04 -24.43
N GLY A 105 10.45 1.30 -25.48
CA GLY A 105 11.56 2.22 -25.43
C GLY A 105 12.92 1.57 -25.57
N GLU A 106 13.73 2.07 -26.49
CA GLU A 106 15.14 1.67 -26.62
C GLU A 106 15.34 0.18 -26.89
N GLY A 107 14.56 -0.34 -27.84
CA GLY A 107 14.68 -1.74 -28.25
C GLY A 107 14.17 -2.71 -27.20
N MET A 108 13.19 -2.27 -26.40
CA MET A 108 12.58 -3.14 -25.40
C MET A 108 11.14 -3.40 -25.74
N PHE A 109 10.80 -4.66 -25.95
CA PHE A 109 9.47 -5.02 -26.44
C PHE A 109 8.70 -5.81 -25.39
N GLY A 110 7.40 -5.52 -25.27
CA GLY A 110 6.53 -6.30 -24.39
C GLY A 110 6.45 -7.74 -24.84
N GLU A 111 6.60 -8.66 -23.89
CA GLU A 111 6.68 -10.08 -24.18
C GLU A 111 5.31 -10.75 -24.32
N ASP A 112 4.31 -10.15 -23.69
CA ASP A 112 2.99 -10.76 -23.62
C ASP A 112 1.94 -9.71 -23.27
N ASN A 113 0.68 -10.10 -23.40
CA ASN A 113 -0.44 -9.35 -22.86
C ASN A 113 -0.87 -9.98 -21.54
N VAL A 114 -1.37 -9.15 -20.63
CA VAL A 114 -1.96 -9.69 -19.41
C VAL A 114 -3.27 -8.98 -19.13
N GLN A 115 -4.19 -9.68 -18.46
CA GLN A 115 -5.48 -9.10 -18.11
C GLN A 115 -5.82 -9.41 -16.66
N THR A 116 -6.61 -8.53 -16.06
CA THR A 116 -7.18 -8.82 -14.75
C THR A 116 -8.57 -8.21 -14.66
N HIS A 117 -9.41 -8.80 -13.83
CA HIS A 117 -10.69 -8.22 -13.47
C HIS A 117 -10.83 -8.33 -11.99
N PHE A 118 -11.20 -7.23 -11.35
CA PHE A 118 -11.40 -7.25 -9.92
C PHE A 118 -12.52 -6.30 -9.54
N THR A 119 -12.91 -6.34 -8.28
CA THR A 119 -14.02 -5.50 -7.81
C THR A 119 -13.65 -4.87 -6.48
N ILE A 120 -14.29 -3.75 -6.19
CA ILE A 120 -14.07 -3.02 -4.94
C ILE A 120 -15.15 -3.42 -3.94
N GLY A 121 -14.73 -3.75 -2.72
CA GLY A 121 -15.63 -4.20 -1.67
C GLY A 121 -16.05 -3.03 -0.79
N ASP A 122 -16.38 -3.32 0.47
CA ASP A 122 -16.81 -2.30 1.42
C ASP A 122 -15.74 -1.25 1.66
N GLU A 123 -16.18 -0.03 1.96
CA GLU A 123 -15.26 1.03 2.33
C GLU A 123 -14.86 0.81 3.78
N VAL A 124 -13.57 0.62 4.01
CA VAL A 124 -13.04 0.41 5.37
C VAL A 124 -11.92 1.40 5.57
N ILE A 125 -12.13 2.34 6.49
CA ILE A 125 -11.17 3.40 6.78
C ILE A 125 -10.95 3.41 8.28
N ALA A 126 -9.71 3.12 8.68
CA ALA A 126 -9.29 3.15 10.08
C ALA A 126 -8.44 4.38 10.36
N THR A 127 -8.87 5.20 11.31
CA THR A 127 -8.19 6.45 11.61
C THR A 127 -7.49 6.36 12.97
N ALA A 128 -6.20 6.64 12.98
CA ALA A 128 -5.43 6.74 14.20
C ALA A 128 -5.15 8.22 14.47
N ASP A 129 -5.71 8.74 15.57
CA ASP A 129 -5.54 10.13 15.95
C ASP A 129 -4.58 10.17 17.13
N ASP A 130 -3.40 10.76 16.93
CA ASP A 130 -2.42 10.86 18.02
C ASP A 130 -2.91 11.63 19.25
N ASN A 131 -3.93 12.47 19.09
CA ASN A 131 -4.53 13.15 20.24
C ASN A 131 -5.23 12.18 21.18
N THR A 132 -5.89 11.16 20.62
CA THR A 132 -6.64 10.19 21.42
C THR A 132 -5.91 8.85 21.54
N LYS A 133 -4.93 8.64 20.67
CA LYS A 133 -4.23 7.35 20.54
C LYS A 133 -5.21 6.17 20.41
N ILE A 134 -6.29 6.42 19.68
CA ILE A 134 -7.25 5.37 19.34
C ILE A 134 -7.23 5.18 17.83
N LEU A 135 -7.27 3.93 17.40
CA LEU A 135 -7.51 3.59 15.99
C LEU A 135 -8.99 3.22 15.87
N THR A 136 -9.74 4.04 15.13
CA THR A 136 -11.18 3.85 14.97
C THR A 136 -11.45 3.32 13.57
N VAL A 137 -12.07 2.14 13.51
CA VAL A 137 -12.38 1.51 12.24
C VAL A 137 -13.81 1.84 11.80
N ARG A 138 -13.94 2.44 10.62
CA ARG A 138 -15.24 2.76 10.05
C ARG A 138 -15.50 1.90 8.82
N VAL A 139 -16.67 1.29 8.76
CA VAL A 139 -17.08 0.47 7.61
C VAL A 139 -18.27 1.15 6.97
N ASN A 140 -18.12 1.56 5.71
CA ASN A 140 -19.13 2.34 5.01
C ASN A 140 -19.66 3.52 5.86
N GLY A 141 -18.73 4.21 6.51
CA GLY A 141 -19.06 5.41 7.30
C GLY A 141 -19.52 5.18 8.73
N GLU A 142 -19.71 3.92 9.11
CA GLU A 142 -20.17 3.58 10.46
C GLU A 142 -19.04 3.03 11.33
N VAL A 143 -18.90 3.56 12.54
CA VAL A 143 -17.90 3.06 13.50
C VAL A 143 -18.24 1.64 13.94
N VAL A 144 -17.32 0.70 13.73
CA VAL A 144 -17.56 -0.68 14.10
C VAL A 144 -16.64 -1.17 15.22
N LYS A 145 -15.52 -0.47 15.41
CA LYS A 145 -14.47 -0.91 16.34
C LYS A 145 -13.53 0.25 16.65
N SER A 146 -13.16 0.35 17.93
CA SER A 146 -12.13 1.28 18.38
C SER A 146 -11.07 0.46 19.08
N MET A 147 -9.80 0.79 18.87
CA MET A 147 -8.73 0.08 19.56
C MET A 147 -7.60 1.01 20.01
N PRO A 148 -7.22 0.90 21.29
CA PRO A 148 -6.06 1.63 21.79
C PRO A 148 -4.80 1.28 20.99
N THR A 149 -3.99 2.29 20.72
CA THR A 149 -2.74 2.07 20.03
C THR A 149 -1.57 2.81 20.69
N SER A 150 -0.37 2.28 20.46
CA SER A 150 0.88 2.95 20.82
C SER A 150 1.67 3.13 19.53
N MET A 151 1.86 4.39 19.16
CA MET A 151 2.53 4.71 17.92
C MET A 151 3.98 5.13 18.18
N GLY A 152 4.65 5.64 17.16
CA GLY A 152 6.07 5.96 17.26
C GLY A 152 6.40 7.01 18.31
N LYS A 153 7.47 6.78 19.07
CA LYS A 153 7.99 7.76 20.02
C LYS A 153 8.22 9.11 19.35
N ASP A 154 8.21 10.19 20.12
CA ASP A 154 8.51 11.52 19.60
C ASP A 154 9.76 11.50 18.71
N SER A 155 10.72 10.64 19.08
CA SER A 155 12.01 10.55 18.38
C SER A 155 12.04 9.59 17.18
N THR A 156 11.08 8.67 17.13
CA THR A 156 10.90 7.76 15.97
C THR A 156 9.41 7.71 15.63
N PRO A 157 8.85 8.84 15.16
CA PRO A 157 7.40 8.94 15.07
C PRO A 157 6.79 8.22 13.87
N THR A 158 5.51 7.92 13.97
CA THR A 158 4.74 7.41 12.85
C THR A 158 4.37 8.62 11.99
N ALA A 159 4.65 8.55 10.69
CA ALA A 159 4.30 9.63 9.78
C ALA A 159 2.78 9.74 9.63
N ASN A 160 2.29 10.98 9.54
CA ASN A 160 0.89 11.21 9.21
C ASN A 160 0.62 10.86 7.75
N GLY A 161 -0.66 10.72 7.42
CA GLY A 161 -1.08 10.57 6.03
C GLY A 161 -1.95 9.35 5.79
N ILE A 162 -2.10 9.00 4.51
CA ILE A 162 -3.02 7.95 4.08
C ILE A 162 -2.18 6.74 3.69
N TYR A 163 -2.45 5.60 4.34
CA TYR A 163 -1.73 4.35 4.11
C TYR A 163 -2.71 3.34 3.49
N ILE A 164 -2.23 2.56 2.52
CA ILE A 164 -3.01 1.47 1.92
C ILE A 164 -2.63 0.14 2.58
N VAL A 165 -3.63 -0.63 3.00
CA VAL A 165 -3.38 -1.98 3.52
C VAL A 165 -2.78 -2.87 2.43
N GLY A 166 -1.63 -3.46 2.74
CA GLY A 166 -0.92 -4.36 1.84
C GLY A 166 -1.00 -5.80 2.30
N SER A 167 0.15 -6.46 2.43
CA SER A 167 0.20 -7.87 2.83
C SER A 167 -0.10 -8.05 4.31
N ARG A 168 -0.66 -9.21 4.66
CA ARG A 168 -0.84 -9.58 6.06
C ARG A 168 -0.10 -10.86 6.41
N TYR A 169 0.17 -11.04 7.70
CA TYR A 169 0.93 -12.20 8.18
C TYR A 169 0.37 -12.62 9.53
N LYS A 170 0.01 -13.90 9.65
CA LYS A 170 -0.34 -14.49 10.94
C LYS A 170 0.86 -14.35 11.88
N HIS A 171 2.04 -14.56 11.29
CA HIS A 171 3.31 -14.45 11.98
C HIS A 171 4.38 -14.04 11.02
N ILE A 172 5.24 -13.15 11.47
CA ILE A 172 6.36 -12.69 10.67
C ILE A 172 7.60 -12.45 11.49
N ILE A 173 8.74 -12.68 10.89
CA ILE A 173 10.02 -12.41 11.50
C ILE A 173 10.63 -11.17 10.89
N MET A 174 10.79 -10.13 11.67
CA MET A 174 11.58 -9.01 11.28
C MET A 174 13.06 -9.30 11.56
N ASP A 175 13.84 -9.52 10.51
CA ASP A 175 15.19 -9.99 10.69
C ASP A 175 16.17 -8.99 10.09
N SER A 176 17.06 -8.48 10.92
CA SER A 176 18.09 -7.51 10.51
C SER A 176 19.09 -8.09 9.51
N SER A 177 19.24 -9.42 9.51
CA SER A 177 20.17 -10.14 8.63
C SER A 177 19.91 -9.89 7.15
N THR A 178 18.65 -9.70 6.80
CA THR A 178 18.23 -9.41 5.43
C THR A 178 18.89 -8.14 4.88
N TYR A 179 19.19 -7.19 5.77
CA TYR A 179 19.83 -5.92 5.41
C TYR A 179 21.34 -5.94 5.62
N GLY A 180 21.89 -7.10 5.96
CA GLY A 180 23.32 -7.27 6.18
C GLY A 180 23.78 -6.94 7.58
N VAL A 181 22.83 -6.52 8.43
CA VAL A 181 23.11 -6.25 9.85
C VAL A 181 22.98 -7.55 10.64
N PRO A 182 24.10 -8.01 11.26
CA PRO A 182 24.04 -9.26 12.04
C PRO A 182 23.07 -9.14 13.21
N VAL A 183 22.34 -10.23 13.50
CA VAL A 183 21.33 -10.23 14.57
C VAL A 183 21.95 -9.90 15.94
N ASN A 184 23.03 -10.59 16.30
CA ASN A 184 23.77 -10.28 17.53
C ASN A 184 24.71 -9.11 17.28
N SER A 185 24.16 -7.90 17.34
CA SER A 185 24.91 -6.66 17.20
C SER A 185 24.01 -5.54 17.76
N PRO A 186 24.60 -4.37 18.09
CA PRO A 186 23.82 -3.28 18.69
C PRO A 186 22.50 -2.98 17.97
N ASN A 187 22.54 -2.89 16.64
CA ASN A 187 21.36 -2.57 15.83
C ASN A 187 20.65 -3.79 15.26
N GLY A 188 21.24 -4.97 15.46
CA GLY A 188 20.66 -6.23 14.98
C GLY A 188 19.41 -6.68 15.72
N TYR A 189 18.62 -7.52 15.07
CA TYR A 189 17.37 -8.04 15.64
C TYR A 189 16.84 -9.23 14.83
N ARG A 190 16.16 -10.15 15.51
CA ARG A 190 15.37 -11.18 14.87
C ARG A 190 14.11 -11.30 15.71
N THR A 191 13.06 -10.59 15.29
CA THR A 191 11.87 -10.36 16.13
C THR A 191 10.62 -11.07 15.63
N ASP A 192 9.96 -11.78 16.53
CA ASP A 192 8.71 -12.49 16.22
C ASP A 192 7.51 -11.59 16.45
N VAL A 193 6.65 -11.50 15.45
CA VAL A 193 5.47 -10.64 15.51
C VAL A 193 4.23 -11.40 15.00
N ASP A 194 3.14 -11.31 15.77
CA ASP A 194 1.86 -11.92 15.39
C ASP A 194 0.89 -10.91 14.78
N TRP A 195 -0.03 -11.42 13.95
CA TRP A 195 -1.16 -10.64 13.43
C TRP A 195 -0.72 -9.31 12.88
N ALA A 196 0.17 -9.37 11.90
CA ALA A 196 0.81 -8.19 11.35
C ALA A 196 0.23 -7.80 10.00
N THR A 197 -0.37 -6.61 9.97
CA THR A 197 -0.97 -6.04 8.75
C THR A 197 -0.08 -4.92 8.26
N GLN A 198 0.51 -5.10 7.09
CA GLN A 198 1.43 -4.15 6.51
C GLN A 198 0.68 -2.96 5.91
N ILE A 199 1.11 -1.74 6.26
CA ILE A 199 0.49 -0.52 5.72
C ILE A 199 1.47 0.43 5.03
N SER A 200 2.78 0.14 5.10
CA SER A 200 3.76 0.84 4.25
C SER A 200 4.89 -0.09 3.84
N TYR A 201 5.44 0.12 2.65
CA TYR A 201 6.63 -0.61 2.21
C TYR A 201 7.82 -0.31 3.13
N SER A 202 7.82 0.88 3.74
CA SER A 202 8.90 1.29 4.63
C SER A 202 8.89 0.50 5.94
N GLY A 203 7.85 -0.31 6.14
CA GLY A 203 7.79 -1.23 7.26
C GLY A 203 6.85 -0.88 8.40
N VAL A 204 5.90 0.02 8.15
CA VAL A 204 4.86 0.30 9.15
C VAL A 204 3.80 -0.82 9.06
N PHE A 205 3.52 -1.42 10.22
CA PHE A 205 2.49 -2.44 10.39
C PHE A 205 1.51 -2.08 11.51
N VAL A 206 0.28 -2.57 11.41
CA VAL A 206 -0.61 -2.68 12.56
C VAL A 206 -0.41 -4.12 13.04
N HIS A 207 -0.13 -4.32 14.33
CA HIS A 207 0.32 -5.64 14.78
C HIS A 207 0.14 -5.87 16.26
N SER A 208 0.21 -7.13 16.65
CA SER A 208 0.14 -7.54 18.05
C SER A 208 1.37 -7.04 18.77
N ALA A 209 1.15 -6.34 19.88
CA ALA A 209 2.25 -5.85 20.68
C ALA A 209 1.93 -6.09 22.16
N PRO A 210 2.08 -7.35 22.62
CA PRO A 210 1.74 -7.65 24.01
C PRO A 210 2.59 -6.81 24.99
N TRP A 211 3.77 -6.40 24.52
CA TRP A 211 4.73 -5.64 25.32
C TRP A 211 4.36 -4.22 25.62
N SER A 212 3.37 -3.66 24.91
CA SER A 212 2.98 -2.27 25.13
C SER A 212 1.50 -2.05 25.49
N VAL A 213 0.83 -3.11 25.92
CA VAL A 213 -0.61 -3.06 26.22
C VAL A 213 -0.99 -1.94 27.21
N GLY A 214 -0.22 -1.77 28.27
CA GLY A 214 -0.52 -0.75 29.29
C GLY A 214 -0.38 0.68 28.81
N ALA A 215 0.45 0.87 27.78
CA ALA A 215 0.68 2.19 27.18
C ALA A 215 -0.32 2.53 26.06
N GLN A 216 -0.93 1.51 25.47
CA GLN A 216 -1.84 1.69 24.35
C GLN A 216 -3.03 2.57 24.71
N GLY A 217 -3.24 3.62 23.91
CA GLY A 217 -4.27 4.62 24.18
C GLY A 217 -3.78 5.78 25.01
N HIS A 218 -2.53 5.70 25.48
CA HIS A 218 -2.02 6.68 26.45
C HIS A 218 -0.72 7.34 26.07
N THR A 219 0.29 6.55 25.73
CA THR A 219 1.61 7.07 25.44
C THR A 219 2.27 6.29 24.29
N ASN A 220 2.94 7.04 23.41
CA ASN A 220 3.68 6.45 22.30
C ASN A 220 5.02 5.85 22.73
N THR A 221 5.25 4.61 22.31
CA THR A 221 6.41 3.84 22.74
C THR A 221 7.13 3.07 21.63
N SER A 222 6.58 3.09 20.41
CA SER A 222 7.06 2.21 19.34
C SER A 222 8.14 2.81 18.44
N HIS A 223 8.66 2.00 17.51
CA HIS A 223 9.62 2.45 16.50
C HIS A 223 8.96 3.03 15.26
N GLY A 224 7.64 3.18 15.29
CA GLY A 224 6.88 3.74 14.18
C GLY A 224 5.64 2.94 13.82
N CYS A 225 5.64 1.66 14.19
CA CYS A 225 4.49 0.80 13.96
C CYS A 225 3.32 1.17 14.85
N LEU A 226 2.12 0.74 14.45
CA LEU A 226 0.93 0.94 15.25
C LEU A 226 0.73 -0.29 16.12
N ASN A 227 1.28 -0.23 17.33
CA ASN A 227 1.10 -1.27 18.35
C ASN A 227 -0.36 -1.37 18.78
N VAL A 228 -0.94 -2.56 18.74
CA VAL A 228 -2.25 -2.77 19.35
C VAL A 228 -2.21 -4.07 20.16
N SER A 229 -3.28 -4.36 20.92
CA SER A 229 -3.33 -5.59 21.71
C SER A 229 -3.40 -6.83 20.80
N PRO A 230 -2.89 -8.00 21.29
CA PRO A 230 -3.00 -9.24 20.54
C PRO A 230 -4.41 -9.48 19.97
N SER A 231 -5.42 -9.31 20.82
CA SER A 231 -6.81 -9.55 20.43
C SER A 231 -7.29 -8.55 19.38
N ASN A 232 -6.93 -7.28 19.55
CA ASN A 232 -7.28 -6.25 18.57
C ASN A 232 -6.53 -6.40 17.24
N ALA A 233 -5.29 -6.87 17.31
CA ALA A 233 -4.48 -7.13 16.10
C ALA A 233 -5.03 -8.30 15.30
N GLN A 234 -5.50 -9.34 16.00
CA GLN A 234 -6.17 -10.46 15.33
C GLN A 234 -7.47 -9.98 14.70
N TRP A 235 -8.22 -9.16 15.44
CA TRP A 235 -9.45 -8.56 14.91
C TRP A 235 -9.16 -7.78 13.66
N PHE A 236 -8.13 -6.93 13.69
CA PHE A 236 -7.77 -6.11 12.53
C PHE A 236 -7.43 -6.99 11.33
N TYR A 237 -6.55 -7.95 11.55
CA TYR A 237 -6.15 -8.94 10.54
C TYR A 237 -7.36 -9.62 9.91
N ASP A 238 -8.32 -10.03 10.74
CA ASP A 238 -9.54 -10.71 10.29
C ASP A 238 -10.50 -9.81 9.52
N HIS A 239 -10.48 -8.50 9.78
CA HIS A 239 -11.51 -7.60 9.26
C HIS A 239 -11.09 -6.62 8.20
N VAL A 240 -9.80 -6.56 7.89
CA VAL A 240 -9.35 -5.74 6.76
C VAL A 240 -9.00 -6.59 5.56
N LYS A 241 -8.80 -5.91 4.44
CA LYS A 241 -8.40 -6.55 3.20
C LYS A 241 -7.45 -5.60 2.47
N ARG A 242 -6.70 -6.15 1.52
CA ARG A 242 -5.82 -5.35 0.69
C ARG A 242 -6.60 -4.18 0.11
N GLY A 243 -6.03 -2.98 0.19
CA GLY A 243 -6.65 -1.81 -0.40
C GLY A 243 -7.52 -1.03 0.57
N ASP A 244 -7.78 -1.58 1.75
CA ASP A 244 -8.43 -0.80 2.80
C ASP A 244 -7.45 0.30 3.24
N ILE A 245 -7.95 1.27 4.02
CA ILE A 245 -7.20 2.48 4.32
C ILE A 245 -6.95 2.65 5.81
N VAL A 246 -5.73 3.04 6.16
CA VAL A 246 -5.42 3.56 7.50
C VAL A 246 -4.96 5.02 7.34
N GLU A 247 -5.56 5.92 8.13
CA GLU A 247 -5.18 7.32 8.11
C GLU A 247 -4.59 7.66 9.46
N VAL A 248 -3.43 8.28 9.46
CA VAL A 248 -2.76 8.70 10.69
C VAL A 248 -2.78 10.23 10.71
N VAL A 249 -3.22 10.82 11.83
CA VAL A 249 -3.30 12.27 11.96
C VAL A 249 -2.72 12.72 13.30
N ASN A 250 -2.25 13.96 13.34
CA ASN A 250 -1.80 14.66 14.56
C ASN A 250 -0.51 14.17 15.24
N THR A 251 0.24 13.28 14.59
CA THR A 251 1.55 12.89 15.13
C THR A 251 2.60 13.98 14.91
N VAL A 252 3.72 13.86 15.63
CA VAL A 252 4.85 14.78 15.46
C VAL A 252 5.72 14.40 14.27
N GLY A 253 5.30 13.37 13.52
CA GLY A 253 6.04 12.94 12.34
C GLY A 253 5.73 13.80 11.13
N GLY A 254 6.42 13.52 10.02
CA GLY A 254 6.12 14.14 8.74
C GLY A 254 4.94 13.46 8.08
N THR A 255 4.95 13.43 6.75
CA THR A 255 3.91 12.73 5.97
C THR A 255 4.54 11.57 5.24
N LEU A 256 3.81 10.45 5.15
CA LEU A 256 4.27 9.27 4.43
C LEU A 256 4.56 9.65 2.98
N PRO A 257 5.76 9.29 2.48
CA PRO A 257 6.06 9.59 1.07
C PRO A 257 5.03 9.00 0.12
N GLY A 258 4.60 9.81 -0.85
CA GLY A 258 3.69 9.35 -1.89
C GLY A 258 4.19 8.17 -2.70
N ILE A 259 5.51 8.01 -2.79
CA ILE A 259 6.11 6.91 -3.57
C ILE A 259 6.60 5.74 -2.71
N ASP A 260 6.09 5.64 -1.49
CA ASP A 260 6.42 4.54 -0.58
C ASP A 260 6.21 3.17 -1.22
N GLY A 261 5.10 3.01 -1.96
CA GLY A 261 4.62 1.71 -2.37
C GLY A 261 3.18 1.54 -1.93
N LEU A 262 2.85 2.06 -0.75
CA LEU A 262 1.46 2.06 -0.26
C LEU A 262 1.02 3.46 0.13
N GLY A 263 1.76 4.47 -0.34
CA GLY A 263 1.49 5.87 0.01
C GLY A 263 0.86 6.69 -1.11
N ASP A 264 0.25 6.02 -2.07
CA ASP A 264 -0.16 6.65 -3.33
C ASP A 264 -1.06 7.87 -3.09
N TRP A 265 -1.94 7.78 -2.13
CA TRP A 265 -2.97 8.79 -1.87
C TRP A 265 -2.43 10.07 -1.27
N ASN A 266 -1.18 10.04 -0.84
CA ASN A 266 -0.54 11.26 -0.32
C ASN A 266 -0.05 12.20 -1.43
N ILE A 267 -0.05 11.71 -2.66
CA ILE A 267 0.25 12.57 -3.81
C ILE A 267 -1.03 13.31 -4.19
N PRO A 268 -0.99 14.66 -4.18
CA PRO A 268 -2.20 15.41 -4.53
C PRO A 268 -2.64 15.09 -5.95
N TRP A 269 -3.94 15.10 -6.19
CA TRP A 269 -4.48 14.68 -7.49
C TRP A 269 -3.87 15.42 -8.66
N ASP A 270 -3.66 16.72 -8.52
CA ASP A 270 -3.11 17.50 -9.63
C ASP A 270 -1.69 17.10 -10.00
N GLN A 271 -0.93 16.64 -9.01
CA GLN A 271 0.39 16.08 -9.26
C GLN A 271 0.25 14.69 -9.90
N TRP A 272 -0.59 13.84 -9.31
CA TRP A 272 -0.80 12.50 -9.86
C TRP A 272 -1.26 12.52 -11.30
N ARG A 273 -2.31 13.29 -11.58
CA ARG A 273 -2.90 13.29 -12.92
C ARG A 273 -1.96 13.86 -13.99
N ALA A 274 -1.12 14.83 -13.64
CA ALA A 274 -0.11 15.33 -14.57
C ALA A 274 0.85 14.21 -14.94
N GLY A 275 1.09 13.30 -14.00
CA GLY A 275 1.92 12.13 -14.22
C GLY A 275 3.41 12.41 -14.24
N ASN A 276 4.19 11.39 -14.54
CA ASN A 276 5.64 11.52 -14.67
C ASN A 276 6.16 10.65 -15.80
N ALA A 277 5.38 10.57 -16.88
CA ALA A 277 5.74 9.80 -18.07
C ALA A 277 6.90 10.48 -18.80
N LYS A 278 6.91 11.81 -18.74
CA LYS A 278 7.96 12.63 -19.37
C LYS A 278 8.86 13.31 -18.34
N ALA A 279 8.46 13.24 -17.07
CA ALA A 279 9.28 13.70 -15.94
C ALA A 279 10.15 12.57 -15.38
SD EMT B . -11.57 11.21 1.93
HG EMT B . -9.69 10.70 0.24
CE1 EMT B . -12.80 10.08 1.58
CD1 EMT B . -13.36 9.35 2.61
CG1 EMT B . -14.37 8.42 2.34
CD2 EMT B . -14.82 8.22 1.05
CE2 EMT B . -14.27 8.92 -0.03
CZ EMT B . -13.28 9.85 0.19
CG EMT B . -12.71 10.61 -0.97
OD2 EMT B . -11.56 10.31 -1.37
OD1 EMT B . -13.40 11.51 -1.49
C1 GOL C . 14.40 3.70 -9.98
O1 GOL C . 13.38 4.70 -9.86
C2 GOL C . 13.83 2.31 -9.70
O2 GOL C . 14.35 1.82 -8.46
C3 GOL C . 14.22 1.33 -10.80
O3 GOL C . 13.68 0.05 -10.50
C1 GOL D . 8.67 2.56 -5.33
O1 GOL D . 10.07 2.27 -5.26
C2 GOL D . 7.88 1.57 -4.49
O2 GOL D . 8.77 0.85 -3.63
C3 GOL D . 7.11 0.61 -5.40
O3 GOL D . 7.58 -0.74 -5.24
#